data_7V9B
#
_entry.id   7V9B
#
_cell.length_a   77.880
_cell.length_b   81.040
_cell.length_c   83.280
_cell.angle_alpha   90.00
_cell.angle_beta   90.00
_cell.angle_gamma   90.00
#
_symmetry.space_group_name_H-M   'C 2 2 21'
#
loop_
_entity.id
_entity.type
_entity.pdbx_description
1 polymer 'YWHAE/FAM22B fusion protein'
2 polymer ARG-ARG-ARG-ALA-VAL-SEP-MET-ASP-ASN-SER-ASN
3 non-polymer GLYCEROL
4 non-polymer (4S)-2-METHYL-2,4-PENTANEDIOL
5 non-polymer IMIDAZOLE
6 non-polymer 2-[3,6-bis(dimethylamino)xanthen-9-yl]-5-methanoyl-benzoate
7 water water
#
loop_
_entity_poly.entity_id
_entity_poly.type
_entity_poly.pdbx_seq_one_letter_code
_entity_poly.pdbx_strand_id
1 'polypeptide(L)'
;GSHMASMTGGQQMGRGSMDDREDLVYQAKLAEQAERYDEMVESMKKVAGMDVELTVEERNLLSVAYKNVIGARRASWRII
SSIEQKEENKGGEDKLKMIREYRQMVETELKLICCDILDVLDKHLIPAANTGESKVFYYKMKGDYHRYLAEFATGNDRKE
AAENSLVAYKAASDIAMTELPPTHPIRLGLALNFSVFYYEILNSPDRACRLAKAAFDDAIAELDTLSEESYKDSTLIMQL
LRDNLTLWT
;
A
2 'polypeptide(L)' RRRAV(SEP)MDNSN B
#
# COMPACT_ATOMS: atom_id res chain seq x y z
N ASP A 19 -5.33 4.57 -29.80
CA ASP A 19 -6.73 4.21 -29.40
C ASP A 19 -7.05 4.83 -28.03
N ASP A 20 -8.29 4.65 -27.58
CA ASP A 20 -8.79 5.09 -26.25
C ASP A 20 -7.85 4.64 -25.12
N ARG A 21 -7.36 3.41 -25.11
CA ARG A 21 -6.54 2.87 -24.00
C ARG A 21 -5.19 3.60 -24.00
N GLU A 22 -4.56 3.75 -25.16
CA GLU A 22 -3.25 4.44 -25.27
C GLU A 22 -3.39 5.90 -24.90
N ASP A 23 -4.51 6.51 -25.28
CA ASP A 23 -4.86 7.90 -24.93
C ASP A 23 -4.95 8.08 -23.41
N LEU A 24 -5.69 7.21 -22.73
CA LEU A 24 -5.88 7.26 -21.25
C LEU A 24 -4.51 7.08 -20.56
N VAL A 25 -3.67 6.19 -21.10
CA VAL A 25 -2.33 5.98 -20.51
C VAL A 25 -1.50 7.25 -20.70
N TYR A 26 -1.57 7.86 -21.86
CA TYR A 26 -0.82 9.11 -22.15
C TYR A 26 -1.31 10.22 -21.19
N GLN A 27 -2.62 10.34 -21.01
CA GLN A 27 -3.22 11.34 -20.09
C GLN A 27 -2.73 11.09 -18.63
N ALA A 28 -2.66 9.84 -18.19
CA ALA A 28 -2.13 9.43 -16.87
C ALA A 28 -0.69 9.91 -16.72
N LYS A 29 0.10 9.73 -17.78
CA LYS A 29 1.53 10.11 -17.77
C LYS A 29 1.66 11.66 -17.74
N LEU A 30 0.82 12.38 -18.49
CA LEU A 30 0.79 13.87 -18.44
C LEU A 30 0.43 14.35 -17.02
N ALA A 31 -0.64 13.81 -16.41
CA ALA A 31 -1.12 14.14 -15.06
C ALA A 31 0.01 13.86 -14.06
N GLU A 32 0.69 12.72 -14.23
CA GLU A 32 1.82 12.38 -13.33
C GLU A 32 2.89 13.48 -13.41
N GLN A 33 3.30 13.85 -14.62
CA GLN A 33 4.33 14.89 -14.78
C GLN A 33 3.86 16.18 -14.13
N ALA A 34 2.58 16.56 -14.37
CA ALA A 34 2.00 17.81 -13.88
C ALA A 34 1.79 17.76 -12.35
N GLU A 35 1.95 16.60 -11.71
CA GLU A 35 1.68 16.34 -10.26
C GLU A 35 0.22 16.61 -9.94
N ARG A 36 -0.66 16.22 -10.83
CA ARG A 36 -2.13 16.33 -10.67
C ARG A 36 -2.66 14.91 -10.49
N TYR A 37 -2.53 14.36 -9.31
CA TYR A 37 -2.69 12.90 -9.12
C TYR A 37 -4.14 12.47 -9.16
N ASP A 38 -5.09 13.34 -8.82
CA ASP A 38 -6.53 13.03 -8.95
C ASP A 38 -6.85 12.63 -10.42
N GLU A 39 -6.31 13.38 -11.36
CA GLU A 39 -6.55 13.19 -12.79
C GLU A 39 -5.83 11.93 -13.22
N MET A 40 -4.70 11.65 -12.62
CA MET A 40 -3.95 10.42 -12.92
C MET A 40 -4.82 9.23 -12.49
N VAL A 41 -5.40 9.31 -11.28
CA VAL A 41 -6.31 8.25 -10.78
C VAL A 41 -7.45 8.10 -11.78
N GLU A 42 -8.05 9.20 -12.19
CA GLU A 42 -9.29 9.11 -12.99
C GLU A 42 -8.96 8.42 -14.34
N SER A 43 -7.80 8.72 -14.91
CA SER A 43 -7.37 8.14 -16.20
C SER A 43 -7.16 6.64 -16.03
N MET A 44 -6.46 6.25 -14.99
CA MET A 44 -6.11 4.80 -14.82
C MET A 44 -7.34 4.01 -14.35
N LYS A 45 -8.27 4.62 -13.60
CA LYS A 45 -9.55 3.97 -13.27
C LYS A 45 -10.32 3.60 -14.55
N LYS A 46 -10.29 4.45 -15.54
CA LYS A 46 -10.96 4.19 -16.84
C LYS A 46 -10.28 3.02 -17.53
N VAL A 47 -8.94 2.90 -17.41
CA VAL A 47 -8.23 1.75 -18.03
C VAL A 47 -8.63 0.49 -17.29
N ALA A 48 -8.61 0.53 -15.97
CA ALA A 48 -8.99 -0.58 -15.10
C ALA A 48 -10.45 -1.02 -15.39
N GLY A 49 -11.35 -0.06 -15.65
CA GLY A 49 -12.76 -0.36 -15.94
C GLY A 49 -12.97 -1.07 -17.29
N MET A 50 -11.95 -1.16 -18.14
CA MET A 50 -12.01 -1.87 -19.45
C MET A 50 -12.05 -3.40 -19.24
N ASP A 51 -11.77 -3.90 -18.04
CA ASP A 51 -11.87 -5.33 -17.66
C ASP A 51 -10.86 -6.17 -18.47
N VAL A 52 -9.65 -5.67 -18.62
CA VAL A 52 -8.55 -6.36 -19.33
C VAL A 52 -7.37 -6.48 -18.38
N GLU A 53 -6.48 -7.38 -18.71
CA GLU A 53 -5.20 -7.54 -18.01
C GLU A 53 -4.41 -6.25 -18.24
N LEU A 54 -4.03 -5.56 -17.16
CA LEU A 54 -3.20 -4.36 -17.32
C LEU A 54 -1.76 -4.76 -17.69
N THR A 55 -1.07 -3.92 -18.40
CA THR A 55 0.37 -4.07 -18.63
C THR A 55 1.13 -3.74 -17.34
N VAL A 56 2.40 -4.11 -17.28
CA VAL A 56 3.28 -3.73 -16.15
C VAL A 56 3.21 -2.23 -16.00
N GLU A 57 3.37 -1.51 -17.10
CA GLU A 57 3.40 -0.04 -17.06
C GLU A 57 2.06 0.48 -16.49
N GLU A 58 0.93 -0.05 -16.97
CA GLU A 58 -0.39 0.40 -16.49
C GLU A 58 -0.59 0.12 -15.00
N ARG A 59 -0.21 -1.07 -14.50
CA ARG A 59 -0.36 -1.39 -13.06
C ARG A 59 0.45 -0.38 -12.24
N ASN A 60 1.67 -0.09 -12.67
CA ASN A 60 2.56 0.89 -12.02
C ASN A 60 1.94 2.28 -12.01
N LEU A 61 1.40 2.74 -13.14
CA LEU A 61 0.75 4.07 -13.19
C LEU A 61 -0.46 4.08 -12.23
N LEU A 62 -1.28 3.06 -12.21
CA LEU A 62 -2.45 2.97 -11.31
C LEU A 62 -1.97 3.07 -9.85
N SER A 63 -0.96 2.26 -9.50
CA SER A 63 -0.42 2.13 -8.14
C SER A 63 0.12 3.52 -7.70
N VAL A 64 0.92 4.19 -8.54
CA VAL A 64 1.52 5.52 -8.22
C VAL A 64 0.40 6.56 -8.02
N ALA A 65 -0.66 6.49 -8.83
CA ALA A 65 -1.73 7.49 -8.78
C ALA A 65 -2.40 7.41 -7.40
N TYR A 66 -2.82 6.21 -7.00
CA TYR A 66 -3.55 6.03 -5.72
C TYR A 66 -2.57 6.27 -4.57
N LYS A 67 -1.32 5.85 -4.71
CA LYS A 67 -0.37 6.03 -3.61
C LYS A 67 -0.21 7.53 -3.31
N ASN A 68 -0.15 8.34 -4.36
CA ASN A 68 -0.01 9.81 -4.16
C ASN A 68 -1.26 10.41 -3.55
N VAL A 69 -2.42 10.00 -4.05
CA VAL A 69 -3.70 10.58 -3.56
C VAL A 69 -3.93 10.19 -2.09
N ILE A 70 -3.74 8.91 -1.73
CA ILE A 70 -3.89 8.49 -0.31
C ILE A 70 -2.74 9.07 0.53
N GLY A 71 -1.55 9.15 -0.01
CA GLY A 71 -0.35 9.56 0.75
C GLY A 71 -0.43 10.99 1.22
N ALA A 72 -1.06 11.87 0.45
CA ALA A 72 -1.31 13.26 0.89
C ALA A 72 -2.21 13.27 2.16
N ARG A 73 -3.28 12.47 2.20
CA ARG A 73 -4.16 12.40 3.38
C ARG A 73 -3.50 11.69 4.55
N ARG A 74 -2.70 10.64 4.33
CA ARG A 74 -1.97 9.97 5.42
C ARG A 74 -0.99 10.94 6.08
N ALA A 75 -0.27 11.73 5.27
CA ALA A 75 0.65 12.78 5.78
C ALA A 75 -0.16 13.82 6.56
N SER A 76 -1.28 14.30 6.04
CA SER A 76 -2.08 15.31 6.76
C SER A 76 -2.54 14.74 8.10
N TRP A 77 -3.02 13.50 8.07
CA TRP A 77 -3.56 12.85 9.29
C TRP A 77 -2.48 12.77 10.37
N ARG A 78 -1.29 12.33 10.03
CA ARG A 78 -0.21 12.28 11.03
C ARG A 78 0.14 13.66 11.55
N ILE A 79 0.12 14.69 10.69
CA ILE A 79 0.44 16.06 11.16
C ILE A 79 -0.64 16.50 12.15
N ILE A 80 -1.91 16.36 11.77
CA ILE A 80 -3.04 16.83 12.57
C ILE A 80 -3.01 16.06 13.90
N SER A 81 -2.82 14.74 13.87
CA SER A 81 -2.80 13.88 15.05
C SER A 81 -1.67 14.36 15.99
N SER A 82 -0.51 14.73 15.46
CA SER A 82 0.65 15.19 16.25
CA SER A 82 0.65 15.18 16.27
C SER A 82 0.28 16.50 16.97
N ILE A 83 -0.44 17.35 16.27
CA ILE A 83 -0.88 18.64 16.84
C ILE A 83 -1.88 18.36 17.97
N GLU A 84 -2.81 17.43 17.73
CA GLU A 84 -3.77 17.00 18.76
C GLU A 84 -3.02 16.54 20.03
N GLN A 85 -2.03 15.64 19.94
CA GLN A 85 -1.30 15.20 21.16
C GLN A 85 -0.73 16.42 21.91
N LYS A 86 -0.11 17.34 21.19
CA LYS A 86 0.57 18.49 21.80
C LYS A 86 -0.50 19.28 22.57
N GLU A 87 -1.68 19.47 21.97
CA GLU A 87 -2.70 20.31 22.61
C GLU A 87 -3.30 19.54 23.77
N GLU A 88 -3.39 18.21 23.68
CA GLU A 88 -3.87 17.41 24.84
C GLU A 88 -2.93 17.64 26.04
N ASN A 89 -1.61 17.78 25.81
CA ASN A 89 -0.58 17.98 26.85
C ASN A 89 -0.63 19.41 27.43
N LYS A 90 -1.15 20.38 26.68
CA LYS A 90 -1.43 21.75 27.18
C LYS A 90 -2.88 21.90 27.69
N GLY A 91 -3.79 20.97 27.34
CA GLY A 91 -5.20 21.02 27.73
C GLY A 91 -5.99 22.15 27.07
N GLY A 92 -5.63 22.60 25.87
CA GLY A 92 -6.36 23.68 25.16
C GLY A 92 -7.62 23.16 24.50
N GLU A 93 -8.78 23.19 25.18
CA GLU A 93 -10.02 22.43 24.82
C GLU A 93 -10.74 23.02 23.59
N ASP A 94 -10.78 24.35 23.49
CA ASP A 94 -11.25 25.13 22.30
C ASP A 94 -10.55 24.59 21.06
N LYS A 95 -9.22 24.48 21.15
CA LYS A 95 -8.41 24.02 20.02
C LYS A 95 -8.72 22.55 19.74
N LEU A 96 -8.94 21.73 20.77
CA LEU A 96 -9.05 20.26 20.56
C LEU A 96 -10.32 19.90 19.80
N LYS A 97 -11.41 20.63 20.02
CA LYS A 97 -12.66 20.37 19.27
C LYS A 97 -12.40 20.60 17.76
N MET A 98 -11.69 21.67 17.40
CA MET A 98 -11.37 22.02 16.00
C MET A 98 -10.39 20.98 15.45
N ILE A 99 -9.34 20.65 16.19
CA ILE A 99 -8.35 19.65 15.74
C ILE A 99 -9.05 18.30 15.47
N ARG A 100 -9.83 17.80 16.42
CA ARG A 100 -10.56 16.52 16.29
C ARG A 100 -11.48 16.58 15.07
N GLU A 101 -12.23 17.68 14.86
CA GLU A 101 -13.17 17.74 13.72
C GLU A 101 -12.37 17.73 12.40
N TYR A 102 -11.22 18.38 12.37
CA TYR A 102 -10.39 18.41 11.15
C TYR A 102 -9.81 17.03 10.87
N ARG A 103 -9.23 16.38 11.89
CA ARG A 103 -8.77 14.97 11.81
C ARG A 103 -9.89 14.11 11.24
N GLN A 104 -11.11 14.24 11.74
CA GLN A 104 -12.24 13.37 11.31
C GLN A 104 -12.59 13.57 9.83
N MET A 105 -12.49 14.78 9.33
CA MET A 105 -12.67 15.14 7.91
C MET A 105 -11.63 14.43 7.04
N VAL A 106 -10.36 14.39 7.49
CA VAL A 106 -9.30 13.69 6.75
C VAL A 106 -9.56 12.18 6.81
N GLU A 107 -10.03 11.67 7.95
CA GLU A 107 -10.35 10.24 8.10
C GLU A 107 -11.47 9.88 7.12
N THR A 108 -12.47 10.76 6.96
CA THR A 108 -13.51 10.55 5.92
C THR A 108 -12.89 10.41 4.51
N GLU A 109 -12.00 11.33 4.14
CA GLU A 109 -11.37 11.26 2.80
C GLU A 109 -10.54 9.96 2.68
N LEU A 110 -9.75 9.56 3.68
CA LEU A 110 -8.98 8.29 3.64
C LEU A 110 -9.95 7.14 3.36
N LYS A 111 -11.09 7.09 4.05
CA LYS A 111 -12.07 6.00 3.84
C LYS A 111 -12.54 6.02 2.40
N LEU A 112 -12.91 7.18 1.86
CA LEU A 112 -13.45 7.27 0.48
C LEU A 112 -12.39 6.81 -0.53
N ILE A 113 -11.13 7.24 -0.36
CA ILE A 113 -10.10 6.89 -1.36
C ILE A 113 -9.87 5.37 -1.30
N CYS A 114 -9.72 4.83 -0.12
CA CYS A 114 -9.49 3.37 0.07
C CYS A 114 -10.67 2.62 -0.54
N CYS A 115 -11.91 3.04 -0.23
CA CYS A 115 -13.12 2.34 -0.80
C CYS A 115 -13.15 2.42 -2.35
N ASP A 116 -12.67 3.50 -2.94
CA ASP A 116 -12.63 3.68 -4.41
C ASP A 116 -11.70 2.62 -5.01
N ILE A 117 -10.42 2.59 -4.60
CA ILE A 117 -9.50 1.57 -5.22
C ILE A 117 -9.97 0.16 -4.87
N LEU A 118 -10.45 -0.08 -3.66
CA LEU A 118 -10.89 -1.42 -3.23
C LEU A 118 -12.05 -1.89 -4.11
N ASP A 119 -12.96 -0.99 -4.46
CA ASP A 119 -14.08 -1.33 -5.38
C ASP A 119 -13.52 -1.67 -6.77
N VAL A 120 -12.55 -0.90 -7.26
CA VAL A 120 -11.92 -1.15 -8.59
C VAL A 120 -11.20 -2.52 -8.63
N LEU A 121 -10.53 -2.87 -7.55
CA LEU A 121 -9.80 -4.15 -7.39
C LEU A 121 -10.85 -5.27 -7.46
N ASP A 122 -11.96 -5.12 -6.75
CA ASP A 122 -12.96 -6.21 -6.57
C ASP A 122 -13.80 -6.34 -7.82
N LYS A 123 -14.08 -5.26 -8.54
CA LYS A 123 -15.07 -5.27 -9.64
C LYS A 123 -14.35 -5.50 -10.97
N HIS A 124 -13.09 -5.07 -11.11
CA HIS A 124 -12.40 -5.05 -12.43
C HIS A 124 -11.05 -5.82 -12.37
N LEU A 125 -10.11 -5.34 -11.57
CA LEU A 125 -8.69 -5.80 -11.70
C LEU A 125 -8.59 -7.28 -11.27
N ILE A 126 -9.03 -7.66 -10.08
CA ILE A 126 -8.83 -9.04 -9.56
C ILE A 126 -9.55 -10.03 -10.51
N PRO A 127 -10.81 -9.77 -10.93
CA PRO A 127 -11.45 -10.73 -11.83
C PRO A 127 -10.81 -10.86 -13.22
N ALA A 128 -10.21 -9.81 -13.77
CA ALA A 128 -9.56 -9.86 -15.08
C ALA A 128 -8.08 -10.31 -14.96
N ALA A 129 -7.55 -10.45 -13.75
CA ALA A 129 -6.12 -10.80 -13.59
C ALA A 129 -5.86 -12.27 -14.01
N ASN A 130 -4.88 -12.49 -14.88
CA ASN A 130 -4.69 -13.88 -15.38
C ASN A 130 -3.21 -14.27 -15.40
N THR A 131 -2.34 -13.54 -14.72
CA THR A 131 -0.94 -13.97 -14.51
C THR A 131 -0.69 -14.04 -13.02
N GLY A 132 0.29 -14.85 -12.61
CA GLY A 132 0.72 -14.85 -11.21
C GLY A 132 1.14 -13.44 -10.76
N GLU A 133 1.94 -12.74 -11.54
CA GLU A 133 2.40 -11.38 -11.15
C GLU A 133 1.17 -10.51 -10.85
N SER A 134 0.26 -10.38 -11.79
CA SER A 134 -0.90 -9.48 -11.65
C SER A 134 -1.74 -9.87 -10.42
N LYS A 135 -1.96 -11.16 -10.15
CA LYS A 135 -2.79 -11.58 -9.00
C LYS A 135 -2.10 -11.21 -7.69
N VAL A 136 -0.80 -11.43 -7.61
CA VAL A 136 -0.06 -11.02 -6.39
C VAL A 136 -0.14 -9.52 -6.26
N PHE A 137 0.08 -8.80 -7.33
CA PHE A 137 0.08 -7.32 -7.27
C PHE A 137 -1.26 -6.79 -6.70
N TYR A 138 -2.36 -7.34 -7.20
CA TYR A 138 -3.71 -6.86 -6.85
C TYR A 138 -4.10 -7.32 -5.46
N TYR A 139 -3.84 -8.56 -5.05
CA TYR A 139 -4.14 -8.94 -3.65
C TYR A 139 -3.27 -8.16 -2.67
N LYS A 140 -2.02 -7.92 -2.99
CA LYS A 140 -1.16 -7.06 -2.17
C LYS A 140 -1.80 -5.68 -2.08
N MET A 141 -2.18 -5.08 -3.20
CA MET A 141 -2.78 -3.72 -3.15
C MET A 141 -4.04 -3.74 -2.28
N LYS A 142 -4.86 -4.78 -2.39
CA LYS A 142 -6.03 -4.91 -1.50
C LYS A 142 -5.59 -4.96 -0.03
N GLY A 143 -4.54 -5.70 0.30
CA GLY A 143 -3.97 -5.70 1.66
C GLY A 143 -3.57 -4.30 2.11
N ASP A 144 -2.82 -3.60 1.26
CA ASP A 144 -2.37 -2.20 1.52
C ASP A 144 -3.55 -1.29 1.84
N TYR A 145 -4.61 -1.27 1.01
CA TYR A 145 -5.73 -0.29 1.21
C TYR A 145 -6.60 -0.67 2.42
N HIS A 146 -6.78 -1.94 2.75
CA HIS A 146 -7.44 -2.29 4.03
C HIS A 146 -6.53 -1.92 5.20
N ARG A 147 -5.22 -2.08 5.07
CA ARG A 147 -4.25 -1.63 6.09
C ARG A 147 -4.37 -0.13 6.27
N TYR A 148 -4.44 0.63 5.20
CA TYR A 148 -4.65 2.10 5.39
C TYR A 148 -5.98 2.40 6.11
N LEU A 149 -7.03 1.64 5.87
CA LEU A 149 -8.33 1.79 6.60
C LEU A 149 -8.11 1.47 8.09
N ALA A 150 -7.22 0.52 8.38
CA ALA A 150 -6.98 0.07 9.77
C ALA A 150 -6.10 1.07 10.52
N GLU A 151 -5.14 1.74 9.85
CA GLU A 151 -4.10 2.56 10.49
C GLU A 151 -4.64 3.56 11.51
N PHE A 152 -5.68 4.30 11.15
CA PHE A 152 -6.28 5.39 11.94
C PHE A 152 -7.58 4.95 12.60
N ALA A 153 -7.99 3.69 12.44
CA ALA A 153 -9.28 3.19 12.92
C ALA A 153 -9.16 2.77 14.40
N THR A 154 -10.29 2.71 15.09
CA THR A 154 -10.37 2.15 16.46
C THR A 154 -11.47 1.08 16.52
N GLY A 155 -11.46 0.33 17.61
CA GLY A 155 -12.47 -0.67 17.95
C GLY A 155 -12.77 -1.60 16.81
N ASN A 156 -14.06 -1.78 16.53
CA ASN A 156 -14.63 -2.77 15.58
C ASN A 156 -14.06 -2.47 14.20
N ASP A 157 -14.06 -1.19 13.82
CA ASP A 157 -13.65 -0.78 12.45
C ASP A 157 -12.19 -1.21 12.23
N ARG A 158 -11.40 -1.14 13.28
CA ARG A 158 -9.95 -1.47 13.17
C ARG A 158 -9.81 -2.98 13.01
N LYS A 159 -10.55 -3.73 13.80
CA LYS A 159 -10.53 -5.22 13.76
C LYS A 159 -11.04 -5.67 12.36
N GLU A 160 -12.11 -5.08 11.82
CA GLU A 160 -12.65 -5.47 10.50
C GLU A 160 -11.62 -5.18 9.38
N ALA A 161 -11.12 -3.95 9.26
CA ALA A 161 -10.03 -3.59 8.30
C ALA A 161 -8.81 -4.54 8.43
N ALA A 162 -8.31 -4.79 9.64
CA ALA A 162 -7.14 -5.67 9.96
C ALA A 162 -7.40 -7.08 9.42
N GLU A 163 -8.60 -7.62 9.60
CA GLU A 163 -8.95 -8.97 9.11
C GLU A 163 -9.02 -8.99 7.58
N ASN A 164 -9.68 -8.01 6.94
CA ASN A 164 -9.73 -7.93 5.46
C ASN A 164 -8.28 -7.79 4.93
N SER A 165 -7.46 -6.98 5.57
CA SER A 165 -6.07 -6.76 5.16
C SER A 165 -5.32 -8.09 5.22
N LEU A 166 -5.43 -8.76 6.35
CA LEU A 166 -4.73 -10.04 6.62
C LEU A 166 -5.16 -11.07 5.59
N VAL A 167 -6.45 -11.17 5.30
CA VAL A 167 -6.92 -12.18 4.33
C VAL A 167 -6.34 -11.90 2.93
N ALA A 168 -6.30 -10.64 2.49
CA ALA A 168 -5.76 -10.29 1.16
C ALA A 168 -4.23 -10.56 1.09
N TYR A 169 -3.50 -10.24 2.13
CA TYR A 169 -2.01 -10.46 2.20
C TYR A 169 -1.72 -11.97 2.16
N LYS A 170 -2.55 -12.75 2.83
CA LYS A 170 -2.41 -14.24 2.80
C LYS A 170 -2.65 -14.76 1.37
N ALA A 171 -3.68 -14.30 0.69
CA ALA A 171 -3.96 -14.72 -0.70
C ALA A 171 -2.77 -14.37 -1.61
N ALA A 172 -2.28 -13.13 -1.50
CA ALA A 172 -1.11 -12.66 -2.24
C ALA A 172 0.08 -13.58 -1.94
N SER A 173 0.32 -13.91 -0.66
CA SER A 173 1.52 -14.67 -0.21
C SER A 173 1.47 -16.10 -0.76
N ASP A 174 0.29 -16.70 -0.70
CA ASP A 174 0.01 -18.06 -1.28
C ASP A 174 0.39 -18.07 -2.77
N ILE A 175 -0.15 -17.14 -3.58
CA ILE A 175 0.20 -17.07 -5.04
C ILE A 175 1.71 -16.76 -5.20
N ALA A 176 2.26 -15.82 -4.43
CA ALA A 176 3.67 -15.36 -4.57
C ALA A 176 4.60 -16.55 -4.29
N MET A 177 4.30 -17.30 -3.23
CA MET A 177 5.15 -18.45 -2.82
C MET A 177 5.15 -19.53 -3.91
N THR A 178 4.09 -19.68 -4.69
CA THR A 178 4.06 -20.76 -5.72
C THR A 178 4.45 -20.22 -7.10
N GLU A 179 4.34 -18.91 -7.39
CA GLU A 179 4.39 -18.43 -8.78
C GLU A 179 5.60 -17.53 -8.99
N LEU A 180 6.15 -16.95 -7.94
CA LEU A 180 7.20 -15.94 -8.18
C LEU A 180 8.44 -16.38 -7.45
N PRO A 181 9.62 -16.15 -8.04
CA PRO A 181 10.86 -16.35 -7.29
C PRO A 181 10.98 -15.40 -6.09
N PRO A 182 11.76 -15.78 -5.06
CA PRO A 182 11.89 -15.01 -3.83
C PRO A 182 12.56 -13.65 -4.06
N THR A 183 13.15 -13.45 -5.23
CA THR A 183 13.81 -12.17 -5.64
C THR A 183 12.83 -11.25 -6.39
N HIS A 184 11.64 -11.74 -6.73
CA HIS A 184 10.70 -10.96 -7.55
C HIS A 184 10.32 -9.70 -6.77
N PRO A 185 10.38 -8.50 -7.36
CA PRO A 185 10.06 -7.29 -6.61
C PRO A 185 8.62 -7.20 -6.10
N ILE A 186 7.70 -7.86 -6.78
CA ILE A 186 6.29 -7.86 -6.29
C ILE A 186 6.23 -8.74 -5.04
N ARG A 187 6.95 -9.85 -5.06
CA ARG A 187 7.01 -10.78 -3.92
C ARG A 187 7.73 -10.09 -2.75
N LEU A 188 8.90 -9.48 -2.98
CA LEU A 188 9.60 -8.75 -1.91
C LEU A 188 8.73 -7.60 -1.39
N GLY A 189 8.11 -6.83 -2.27
CA GLY A 189 7.27 -5.68 -1.88
C GLY A 189 6.08 -6.13 -1.08
N LEU A 190 5.45 -7.25 -1.44
CA LEU A 190 4.45 -7.94 -0.58
C LEU A 190 5.03 -8.25 0.80
N ALA A 191 6.18 -8.93 0.89
CA ALA A 191 6.79 -9.30 2.20
C ALA A 191 7.06 -8.05 3.04
N LEU A 192 7.59 -6.99 2.42
CA LEU A 192 7.78 -5.72 3.15
C LEU A 192 6.46 -5.24 3.75
N ASN A 193 5.45 -5.01 2.93
CA ASN A 193 4.18 -4.39 3.41
C ASN A 193 3.47 -5.31 4.41
N PHE A 194 3.54 -6.62 4.20
CA PHE A 194 2.90 -7.58 5.12
C PHE A 194 3.58 -7.51 6.47
N SER A 195 4.92 -7.43 6.48
CA SER A 195 5.65 -7.29 7.75
C SER A 195 5.23 -6.02 8.47
N VAL A 196 5.15 -4.91 7.73
CA VAL A 196 4.65 -3.62 8.29
C VAL A 196 3.25 -3.84 8.88
N PHE A 197 2.41 -4.57 8.18
CA PHE A 197 1.05 -4.86 8.69
C PHE A 197 1.17 -5.52 10.09
N TYR A 198 2.03 -6.56 10.22
CA TYR A 198 2.13 -7.30 11.49
C TYR A 198 2.64 -6.37 12.60
N TYR A 199 3.60 -5.52 12.26
CA TYR A 199 4.19 -4.53 13.19
C TYR A 199 3.21 -3.44 13.61
N GLU A 200 2.60 -2.73 12.67
CA GLU A 200 1.78 -1.54 12.98
C GLU A 200 0.34 -1.97 13.27
N ILE A 201 -0.22 -2.90 12.52
CA ILE A 201 -1.68 -3.10 12.70
C ILE A 201 -1.87 -4.14 13.78
N LEU A 202 -1.14 -5.25 13.73
CA LEU A 202 -1.37 -6.33 14.74
C LEU A 202 -0.44 -6.20 15.94
N ASN A 203 0.42 -5.20 15.97
CA ASN A 203 1.23 -4.92 17.17
C ASN A 203 2.11 -6.14 17.48
N SER A 204 2.62 -6.84 16.47
CA SER A 204 3.43 -8.08 16.67
C SER A 204 4.82 -7.92 16.11
N PRO A 205 5.76 -7.28 16.83
CA PRO A 205 7.13 -7.19 16.32
C PRO A 205 7.75 -8.55 16.02
N ASP A 206 7.43 -9.59 16.81
CA ASP A 206 8.03 -10.92 16.58
C ASP A 206 7.61 -11.43 15.19
N ARG A 207 6.33 -11.40 14.86
CA ARG A 207 5.84 -11.90 13.53
C ARG A 207 6.33 -11.01 12.37
N ALA A 208 6.37 -9.70 12.58
CA ALA A 208 6.89 -8.72 11.61
C ALA A 208 8.35 -9.07 11.30
N CYS A 209 9.13 -9.30 12.33
CA CYS A 209 10.59 -9.58 12.17
C CYS A 209 10.79 -10.92 11.47
N ARG A 210 10.00 -11.93 11.85
CA ARG A 210 10.11 -13.27 11.24
C ARG A 210 9.82 -13.15 9.76
N LEU A 211 8.72 -12.47 9.40
CA LEU A 211 8.33 -12.39 7.97
C LEU A 211 9.43 -11.64 7.22
N ALA A 212 9.85 -10.48 7.72
CA ALA A 212 10.85 -9.67 6.99
C ALA A 212 12.18 -10.42 6.83
N LYS A 213 12.62 -11.09 7.86
CA LYS A 213 13.92 -11.84 7.85
C LYS A 213 13.81 -13.03 6.88
N ALA A 214 12.71 -13.78 6.95
CA ALA A 214 12.47 -14.93 6.06
C ALA A 214 12.47 -14.45 4.60
N ALA A 215 11.73 -13.39 4.25
CA ALA A 215 11.72 -12.94 2.83
C ALA A 215 13.14 -12.54 2.38
N PHE A 216 13.85 -11.79 3.20
CA PHE A 216 15.25 -11.36 2.94
C PHE A 216 16.14 -12.58 2.74
N ASP A 217 16.11 -13.52 3.67
CA ASP A 217 16.99 -14.72 3.58
C ASP A 217 16.66 -15.57 2.37
N ASP A 218 15.39 -15.70 1.98
CA ASP A 218 14.99 -16.53 0.83
C ASP A 218 15.52 -15.90 -0.45
N ALA A 219 15.49 -14.56 -0.52
CA ALA A 219 16.05 -13.81 -1.68
C ALA A 219 17.59 -14.01 -1.75
N ILE A 220 18.25 -13.91 -0.63
CA ILE A 220 19.74 -14.10 -0.56
C ILE A 220 20.09 -15.49 -1.08
N ALA A 221 19.28 -16.50 -0.73
CA ALA A 221 19.56 -17.91 -1.05
C ALA A 221 19.47 -18.10 -2.57
N GLU A 222 18.69 -17.29 -3.30
CA GLU A 222 18.43 -17.52 -4.74
C GLU A 222 18.69 -16.24 -5.54
N LEU A 223 19.77 -15.53 -5.21
CA LEU A 223 20.13 -14.26 -5.90
C LEU A 223 20.40 -14.53 -7.38
N ASP A 224 20.52 -15.78 -7.79
CA ASP A 224 20.65 -16.16 -9.23
C ASP A 224 19.30 -15.99 -9.93
N THR A 225 18.21 -15.76 -9.21
CA THR A 225 16.86 -15.57 -9.83
C THR A 225 16.63 -14.07 -10.08
N LEU A 226 17.56 -13.22 -9.69
CA LEU A 226 17.46 -11.77 -9.99
C LEU A 226 17.38 -11.59 -11.51
N SER A 227 16.40 -10.82 -11.95
CA SER A 227 16.15 -10.40 -13.35
C SER A 227 16.95 -9.13 -13.65
N GLU A 228 17.60 -9.09 -14.82
CA GLU A 228 18.08 -7.86 -15.49
C GLU A 228 17.03 -6.75 -15.36
N GLU A 229 15.73 -7.06 -15.49
CA GLU A 229 14.67 -6.02 -15.58
C GLU A 229 14.48 -5.34 -14.23
N SER A 230 14.70 -6.04 -13.12
CA SER A 230 14.19 -5.54 -11.81
C SER A 230 15.23 -5.68 -10.70
N TYR A 231 16.49 -5.91 -11.05
CA TYR A 231 17.51 -6.20 -10.04
C TYR A 231 17.60 -4.99 -9.11
N LYS A 232 17.45 -3.76 -9.58
CA LYS A 232 17.67 -2.60 -8.69
C LYS A 232 16.44 -2.36 -7.78
N ASP A 233 15.26 -2.59 -8.30
CA ASP A 233 14.00 -2.69 -7.50
C ASP A 233 14.14 -3.75 -6.42
N SER A 234 14.49 -4.98 -6.77
CA SER A 234 14.71 -6.06 -5.75
C SER A 234 15.72 -5.62 -4.69
N THR A 235 16.84 -5.01 -5.11
CA THR A 235 17.90 -4.61 -4.17
C THR A 235 17.42 -3.53 -3.20
N LEU A 236 16.73 -2.53 -3.71
CA LEU A 236 16.10 -1.48 -2.89
C LEU A 236 15.16 -2.15 -1.89
N ILE A 237 14.28 -3.05 -2.34
CA ILE A 237 13.30 -3.62 -1.40
C ILE A 237 14.02 -4.44 -0.33
N MET A 238 15.08 -5.15 -0.70
CA MET A 238 15.86 -5.93 0.29
C MET A 238 16.50 -4.99 1.33
N GLN A 239 16.94 -3.78 0.96
CA GLN A 239 17.44 -2.76 1.93
C GLN A 239 16.30 -2.30 2.83
N LEU A 240 15.09 -2.09 2.27
CA LEU A 240 13.94 -1.69 3.10
C LEU A 240 13.59 -2.80 4.11
N LEU A 241 13.69 -4.06 3.72
CA LEU A 241 13.44 -5.16 4.70
C LEU A 241 14.45 -5.07 5.86
N ARG A 242 15.68 -4.82 5.47
CA ARG A 242 16.79 -4.67 6.45
C ARG A 242 16.56 -3.45 7.32
N ASP A 243 16.09 -2.35 6.73
CA ASP A 243 15.81 -1.10 7.50
C ASP A 243 14.72 -1.34 8.54
N ASN A 244 13.63 -2.04 8.18
CA ASN A 244 12.61 -2.40 9.19
C ASN A 244 13.21 -3.26 10.31
N LEU A 245 13.97 -4.28 9.96
CA LEU A 245 14.65 -5.13 10.98
C LEU A 245 15.50 -4.25 11.90
N THR A 246 16.17 -3.23 11.33
CA THR A 246 17.02 -2.27 12.11
C THR A 246 16.08 -1.52 13.05
N LEU A 247 14.98 -1.01 12.50
CA LEU A 247 14.00 -0.24 13.28
C LEU A 247 13.39 -1.13 14.37
N TRP A 248 13.17 -2.42 14.13
CA TRP A 248 12.33 -3.25 15.02
C TRP A 248 13.13 -4.08 16.03
N THR A 249 14.44 -4.23 15.84
CA THR A 249 15.26 -5.03 16.77
C THR A 249 16.16 -4.11 17.61
N ARG B 1 4.33 7.90 16.38
CA ARG B 1 5.38 8.19 15.39
C ARG B 1 5.82 6.89 14.71
N ARG B 2 6.07 6.97 13.43
CA ARG B 2 6.29 5.78 12.60
C ARG B 2 7.70 5.23 12.82
N ARG B 3 7.81 3.92 12.95
CA ARG B 3 9.08 3.16 13.02
C ARG B 3 8.91 1.97 12.06
N ALA B 4 8.61 2.28 10.79
CA ALA B 4 8.46 1.29 9.72
C ALA B 4 8.57 2.00 8.39
N VAL B 5 9.06 1.30 7.38
CA VAL B 5 9.01 1.77 5.96
C VAL B 5 8.27 0.74 5.11
N MET B 7 6.59 -0.02 0.90
CA MET B 7 6.90 0.21 -0.55
C MET B 7 6.49 1.62 -0.99
N ASP B 8 7.42 2.39 -1.56
CA ASP B 8 7.05 3.75 -2.06
C ASP B 8 8.12 4.19 -3.06
#